data_2DT8
#
_entry.id   2DT8
#
_cell.length_a   105.548
_cell.length_b   36.969
_cell.length_c   81.461
_cell.angle_alpha   90.000
_cell.angle_beta   127.065
_cell.angle_gamma   90.000
#
_symmetry.space_group_name_H-M   'C 1 2 1'
#
loop_
_entity.id
_entity.type
_entity.pdbx_description
1 polymer 'DegV family protein'
2 non-polymer 'ZINC ION'
3 non-polymer 'PALMITIC ACID'
4 non-polymer GLYCEROL
5 water water
#
_entity_poly.entity_id   1
_entity_poly.type   'polypeptide(L)'
_entity_poly.pdbx_seq_one_letter_code
;(MSE)RITLVTDSTSDLPQDLRGRLGVRVVPLYVNLSGAIYRDWEEITPTEIFQKVREGAAFPTTSQPSPEDFARVYREA
LEEADHVLSLHISGKLSGTVQSAELAAQEFPGRVTVVDTQAASLGVG(MSE)(MSE)VLRAKELLEEGQSLEAVLAELER
LRRDHFVRFSVATLEFLKRGGRIGGAQAFLGTLLNLKPVLTLKEGRVEAAGRARGEKKAREEILKAFRAWAEGRKRIRAY
FLYSGDEDAVAALRQEVLASGLPVEEALVNELGAVIASHTGPGTYGFYAYSL
;
_entity_poly.pdbx_strand_id   A
#
# COMPACT_ATOMS: atom_id res chain seq x y z
N ARG A 2 14.17 10.24 20.74
CA ARG A 2 14.37 9.07 19.92
C ARG A 2 13.01 8.54 19.51
N ILE A 3 12.78 8.55 18.21
CA ILE A 3 11.52 8.10 17.63
C ILE A 3 11.77 6.87 16.76
N THR A 4 11.00 5.82 17.03
CA THR A 4 11.10 4.58 16.27
C THR A 4 9.85 4.42 15.41
N LEU A 5 10.05 3.99 14.17
CA LEU A 5 8.97 3.78 13.24
C LEU A 5 8.49 2.33 13.24
N VAL A 6 7.18 2.17 13.26
CA VAL A 6 6.51 0.88 13.21
C VAL A 6 5.47 0.96 12.10
N THR A 7 5.34 -0.12 11.34
CA THR A 7 4.31 -0.17 10.31
C THR A 7 3.79 -1.60 10.27
N ASP A 8 2.90 -1.91 9.33
CA ASP A 8 2.38 -3.27 9.22
C ASP A 8 2.90 -3.87 7.90
N SER A 9 2.75 -5.18 7.74
CA SER A 9 3.28 -5.83 6.54
C SER A 9 2.69 -5.37 5.22
N THR A 10 1.50 -4.78 5.25
CA THR A 10 0.90 -4.33 4.00
C THR A 10 1.59 -3.10 3.41
N SER A 11 2.59 -2.56 4.10
CA SER A 11 3.32 -1.41 3.55
C SER A 11 4.22 -1.91 2.41
N ASP A 12 4.35 -3.23 2.29
CA ASP A 12 5.09 -3.88 1.21
C ASP A 12 6.48 -3.32 0.91
N LEU A 13 7.24 -3.02 1.95
CA LEU A 13 8.59 -2.49 1.78
C LEU A 13 9.60 -3.61 1.59
N PRO A 14 10.55 -3.43 0.67
CA PRO A 14 11.57 -4.47 0.43
C PRO A 14 12.35 -4.61 1.75
N GLN A 15 12.88 -5.84 1.90
CA GLN A 15 13.66 -6.08 3.11
C GLN A 15 14.95 -5.26 3.21
N ASP A 16 15.46 -4.92 2.01
CA ASP A 16 16.68 -4.13 1.99
C ASP A 16 16.60 -2.65 2.37
N LEU A 17 15.36 -2.25 2.73
CA LEU A 17 15.19 -0.87 3.11
C LEU A 17 14.73 -0.87 4.59
N ARG A 18 13.58 -1.53 4.78
CA ARG A 18 13.10 -1.65 6.14
C ARG A 18 13.98 -2.15 7.29
N GLY A 19 14.78 -3.17 6.92
CA GLY A 19 15.61 -3.77 7.95
C GLY A 19 16.63 -2.78 8.43
N ARG A 20 17.48 -2.29 7.55
CA ARG A 20 18.56 -1.40 7.96
C ARG A 20 18.10 -0.06 8.50
N LEU A 21 16.89 0.35 8.11
CA LEU A 21 16.33 1.62 8.56
C LEU A 21 15.69 1.55 9.95
N GLY A 22 15.63 0.36 10.53
CA GLY A 22 15.07 0.22 11.86
C GLY A 22 13.56 0.31 11.90
N VAL A 23 12.91 0.04 10.77
CA VAL A 23 11.46 0.06 10.71
C VAL A 23 10.99 -1.30 11.21
N ARG A 24 10.12 -1.30 12.23
CA ARG A 24 9.61 -2.56 12.75
C ARG A 24 8.30 -2.87 12.05
N VAL A 25 8.10 -4.14 11.72
CA VAL A 25 6.91 -4.53 10.99
C VAL A 25 6.03 -5.53 11.73
N VAL A 26 4.76 -5.20 11.86
CA VAL A 26 3.78 -6.06 12.50
C VAL A 26 3.07 -6.76 11.35
N PRO A 27 3.13 -8.10 11.31
CA PRO A 27 2.48 -8.82 10.22
C PRO A 27 0.97 -8.97 10.23
N LEU A 28 0.39 -9.02 9.03
CA LEU A 28 -1.01 -9.31 8.85
C LEU A 28 -0.99 -10.75 8.34
N TYR A 29 -2.16 -11.38 8.24
CA TYR A 29 -2.25 -12.78 7.84
C TYR A 29 -3.20 -13.07 6.72
N VAL A 30 -2.89 -14.15 6.01
CA VAL A 30 -3.70 -14.65 4.92
C VAL A 30 -4.28 -15.98 5.40
N ASN A 31 -5.60 -16.12 5.23
CA ASN A 31 -6.32 -17.34 5.60
C ASN A 31 -6.61 -18.06 4.28
N LEU A 32 -5.98 -19.23 4.11
CA LEU A 32 -6.11 -20.01 2.90
C LEU A 32 -5.82 -21.48 3.21
N SER A 33 -6.50 -22.33 2.40
CA SER A 33 -6.31 -23.75 2.61
C SER A 33 -6.56 -24.25 4.04
N GLY A 34 -7.41 -23.45 4.72
CA GLY A 34 -7.77 -23.83 6.06
C GLY A 34 -6.72 -23.43 7.14
N ALA A 35 -5.65 -22.83 6.61
CA ALA A 35 -4.54 -22.41 7.45
C ALA A 35 -4.35 -20.91 7.47
N ILE A 36 -3.44 -20.46 8.32
CA ILE A 36 -3.15 -19.03 8.47
C ILE A 36 -1.67 -18.82 8.22
N TYR A 37 -1.35 -17.89 7.32
CA TYR A 37 0.02 -17.61 6.93
C TYR A 37 0.37 -16.13 7.09
N ARG A 38 1.60 -15.92 7.57
CA ARG A 38 2.05 -14.55 7.71
C ARG A 38 2.44 -13.89 6.38
N ASP A 39 1.91 -12.67 6.22
CA ASP A 39 2.17 -11.98 4.97
C ASP A 39 3.69 -11.95 4.69
N TRP A 40 4.07 -12.05 3.42
CA TRP A 40 5.46 -12.03 2.96
C TRP A 40 6.38 -13.18 3.38
N GLU A 41 6.32 -13.67 4.59
CA GLU A 41 7.19 -14.69 5.15
C GLU A 41 6.81 -16.13 4.89
N GLU A 42 5.55 -16.36 4.65
CA GLU A 42 5.01 -17.69 4.49
C GLU A 42 4.08 -17.96 3.33
N ILE A 43 3.75 -16.91 2.56
CA ILE A 43 2.90 -17.08 1.40
C ILE A 43 3.16 -15.95 0.42
N THR A 44 2.80 -16.30 -0.85
CA THR A 44 2.96 -15.34 -1.95
C THR A 44 1.66 -15.18 -2.75
N PRO A 45 1.55 -14.08 -3.51
CA PRO A 45 0.35 -13.88 -4.33
C PRO A 45 0.16 -15.02 -5.33
N THR A 46 1.27 -15.47 -5.92
CA THR A 46 1.22 -16.55 -6.90
C THR A 46 0.61 -17.83 -6.31
N GLU A 47 0.98 -18.14 -5.07
CA GLU A 47 0.44 -19.33 -4.42
C GLU A 47 -1.05 -19.21 -4.19
N ILE A 48 -1.49 -18.04 -3.77
CA ILE A 48 -2.91 -17.79 -3.54
C ILE A 48 -3.71 -17.97 -4.82
N PHE A 49 -3.25 -17.38 -5.90
CA PHE A 49 -3.99 -17.48 -7.16
C PHE A 49 -4.01 -18.89 -7.75
N GLN A 50 -2.91 -19.60 -7.44
CA GLN A 50 -2.85 -20.98 -7.92
C GLN A 50 -3.91 -21.83 -7.24
N LYS A 51 -4.08 -21.53 -5.94
CA LYS A 51 -5.09 -22.27 -5.21
C LYS A 51 -6.54 -21.97 -5.68
N VAL A 52 -6.77 -20.70 -6.01
CA VAL A 52 -8.07 -20.33 -6.54
C VAL A 52 -8.30 -21.01 -7.88
N ARG A 53 -7.24 -20.93 -8.71
CA ARG A 53 -7.35 -21.53 -10.02
C ARG A 53 -7.70 -23.05 -9.99
N GLU A 54 -7.25 -23.58 -8.83
CA GLU A 54 -7.50 -24.99 -8.60
C GLU A 54 -8.85 -25.36 -7.88
N GLY A 55 -9.63 -24.29 -7.71
CA GLY A 55 -10.95 -24.45 -7.13
C GLY A 55 -11.06 -24.26 -5.63
N ALA A 56 -10.01 -23.75 -5.01
CA ALA A 56 -10.06 -23.53 -3.58
C ALA A 56 -10.80 -22.24 -3.24
N ALA A 57 -11.16 -22.36 -2.09
CA ALA A 57 -11.87 -21.28 -1.42
C ALA A 57 -11.05 -19.98 -1.46
N PHE A 58 -11.81 -18.89 -1.63
CA PHE A 58 -11.13 -17.61 -1.66
C PHE A 58 -10.34 -17.32 -0.39
N PRO A 59 -9.22 -16.61 -0.62
CA PRO A 59 -8.43 -16.23 0.54
C PRO A 59 -9.12 -15.09 1.28
N THR A 60 -8.81 -15.05 2.59
CA THR A 60 -9.38 -13.98 3.39
C THR A 60 -8.12 -13.51 4.11
N THR A 61 -8.31 -12.38 4.81
CA THR A 61 -7.16 -11.81 5.51
C THR A 61 -7.54 -11.34 6.94
N SER A 62 -6.54 -11.15 7.81
CA SER A 62 -6.79 -10.73 9.17
C SER A 62 -5.77 -9.68 9.62
N GLN A 63 -6.31 -8.72 10.40
CA GLN A 63 -5.45 -7.64 10.83
C GLN A 63 -4.79 -8.16 12.12
N PRO A 64 -3.74 -7.43 12.53
CA PRO A 64 -3.06 -7.84 13.74
C PRO A 64 -3.88 -7.58 15.03
N SER A 65 -3.63 -8.26 16.12
CA SER A 65 -4.40 -8.07 17.35
C SER A 65 -3.76 -6.92 18.14
N PRO A 66 -4.47 -6.42 19.16
CA PRO A 66 -3.88 -5.34 19.95
C PRO A 66 -2.57 -5.79 20.61
N GLU A 67 -2.52 -7.04 21.09
CA GLU A 67 -1.28 -7.48 21.72
C GLU A 67 -0.14 -7.68 20.72
N ASP A 68 -0.45 -7.97 19.46
CA ASP A 68 0.60 -8.09 18.44
C ASP A 68 1.32 -6.73 18.40
N PHE A 69 0.54 -5.66 18.42
CA PHE A 69 1.11 -4.32 18.40
C PHE A 69 1.77 -3.96 19.73
N ALA A 70 1.11 -4.28 20.84
CA ALA A 70 1.67 -3.93 22.15
C ALA A 70 3.05 -4.51 22.38
N ARG A 71 3.29 -5.82 21.98
CA ARG A 71 4.61 -6.41 22.11
C ARG A 71 5.65 -5.60 21.35
N VAL A 72 5.35 -5.17 20.14
CA VAL A 72 6.28 -4.41 19.34
C VAL A 72 6.50 -3.02 19.96
N TYR A 73 5.44 -2.36 20.39
CA TYR A 73 5.60 -1.04 20.99
C TYR A 73 6.45 -1.12 22.25
N ARG A 74 6.25 -2.10 23.08
CA ARG A 74 6.94 -2.28 24.34
C ARG A 74 8.44 -2.50 24.11
N GLU A 75 8.70 -3.27 23.04
CA GLU A 75 10.08 -3.58 22.75
C GLU A 75 10.82 -2.35 22.19
N ALA A 76 10.03 -1.62 21.37
CA ALA A 76 10.61 -0.45 20.75
C ALA A 76 10.93 0.66 21.78
N LEU A 77 10.02 0.80 22.73
CA LEU A 77 10.16 1.80 23.78
C LEU A 77 11.23 1.50 24.81
N GLU A 78 11.83 0.31 24.73
CA GLU A 78 12.92 -0.06 25.63
C GLU A 78 14.16 0.77 25.27
N GLU A 79 14.18 1.15 23.97
CA GLU A 79 15.28 1.98 23.55
C GLU A 79 14.91 3.21 22.73
N ALA A 80 13.64 3.61 22.91
CA ALA A 80 13.21 4.82 22.23
C ALA A 80 12.25 5.60 23.14
N ASP A 81 12.01 6.87 22.84
CA ASP A 81 11.14 7.70 23.66
C ASP A 81 9.72 7.75 23.10
N HIS A 82 9.60 7.46 21.81
CA HIS A 82 8.30 7.56 21.16
C HIS A 82 8.24 6.65 19.94
N VAL A 83 7.04 6.20 19.62
CA VAL A 83 6.82 5.34 18.46
C VAL A 83 5.85 6.00 17.50
N LEU A 84 6.25 6.07 16.23
CA LEU A 84 5.40 6.63 15.19
C LEU A 84 4.97 5.38 14.41
N SER A 85 3.68 5.09 14.43
CA SER A 85 3.10 3.89 13.82
C SER A 85 2.23 4.25 12.61
N LEU A 86 2.70 3.90 11.41
CA LEU A 86 2.03 4.22 10.14
C LEU A 86 1.35 2.98 9.56
N HIS A 87 0.07 3.20 9.22
CA HIS A 87 -0.69 2.09 8.68
C HIS A 87 -1.71 2.18 7.50
N ILE A 88 -2.03 0.99 6.96
CA ILE A 88 -2.94 0.99 5.83
C ILE A 88 -4.22 1.69 6.29
N SER A 89 -4.90 2.24 5.31
CA SER A 89 -6.17 2.93 5.48
C SER A 89 -7.15 2.26 6.45
N GLY A 90 -7.68 3.07 7.36
CA GLY A 90 -8.65 2.57 8.32
C GLY A 90 -9.98 2.08 7.73
N LYS A 91 -10.17 2.48 6.45
CA LYS A 91 -11.38 2.07 5.79
C LYS A 91 -11.24 0.74 4.99
N LEU A 92 -9.96 0.31 5.01
CA LEU A 92 -9.64 -0.90 4.28
C LEU A 92 -9.31 -2.02 5.28
N SER A 93 -9.00 -1.66 6.51
CA SER A 93 -8.58 -2.64 7.49
C SER A 93 -8.72 -2.19 8.94
N GLY A 94 -8.87 -3.16 9.83
CA GLY A 94 -8.99 -2.84 11.25
C GLY A 94 -7.62 -2.66 11.89
N THR A 95 -6.56 -2.68 11.10
CA THR A 95 -5.21 -2.52 11.61
C THR A 95 -5.02 -1.25 12.47
N VAL A 96 -5.45 -0.10 11.95
CA VAL A 96 -5.32 1.15 12.70
C VAL A 96 -6.01 1.03 14.06
N GLN A 97 -7.23 0.55 14.09
CA GLN A 97 -7.94 0.33 15.35
C GLN A 97 -7.11 -0.54 16.31
N SER A 98 -6.52 -1.68 15.87
CA SER A 98 -5.73 -2.50 16.78
C SER A 98 -4.53 -1.72 17.32
N ALA A 99 -3.89 -0.95 16.43
CA ALA A 99 -2.74 -0.16 16.82
C ALA A 99 -3.15 0.87 17.87
N GLU A 100 -4.29 1.53 17.68
CA GLU A 100 -4.76 2.52 18.64
C GLU A 100 -5.06 1.90 19.98
N LEU A 101 -5.64 0.69 19.98
CA LEU A 101 -5.91 0.04 21.26
C LEU A 101 -4.59 -0.28 21.98
N ALA A 102 -3.58 -0.74 21.24
CA ALA A 102 -2.29 -1.02 21.85
C ALA A 102 -1.62 0.26 22.31
N ALA A 103 -1.80 1.34 21.54
CA ALA A 103 -1.19 2.61 21.89
C ALA A 103 -1.65 3.12 23.26
N GLN A 104 -2.88 2.77 23.64
CA GLN A 104 -3.44 3.19 24.94
C GLN A 104 -2.63 2.62 26.11
N GLU A 105 -1.85 1.57 25.85
CA GLU A 105 -1.02 0.96 26.89
C GLU A 105 0.24 1.76 27.19
N PHE A 106 0.57 2.71 26.31
CA PHE A 106 1.76 3.53 26.43
C PHE A 106 1.31 4.97 26.18
N PRO A 107 0.42 5.48 27.05
CA PRO A 107 -0.10 6.84 26.88
C PRO A 107 0.99 7.91 26.75
N GLY A 108 0.82 8.71 25.68
CA GLY A 108 1.83 9.72 25.42
C GLY A 108 3.04 9.32 24.58
N ARG A 109 3.24 7.99 24.54
CA ARG A 109 4.34 7.50 23.73
C ARG A 109 4.20 6.88 22.38
N VAL A 110 2.96 6.90 21.88
CA VAL A 110 2.75 6.28 20.58
C VAL A 110 1.79 7.12 19.78
N THR A 111 2.18 7.42 18.55
CA THR A 111 1.31 8.18 17.64
C THR A 111 0.97 7.26 16.49
N VAL A 112 -0.32 6.97 16.34
CA VAL A 112 -0.78 6.10 15.27
C VAL A 112 -1.33 6.97 14.14
N VAL A 113 -0.82 6.74 12.92
CA VAL A 113 -1.24 7.49 11.75
C VAL A 113 -1.92 6.62 10.69
N ASP A 114 -3.14 7.01 10.31
CA ASP A 114 -3.90 6.35 9.28
C ASP A 114 -3.47 7.07 8.00
N THR A 115 -2.70 6.38 7.16
CA THR A 115 -2.17 6.98 5.94
C THR A 115 -3.18 7.10 4.81
N GLN A 116 -4.32 6.41 4.94
CA GLN A 116 -5.34 6.39 3.89
C GLN A 116 -4.78 5.82 2.60
N ALA A 117 -3.75 4.98 2.75
CA ALA A 117 -3.11 4.36 1.59
C ALA A 117 -2.97 2.86 1.81
N ALA A 118 -2.36 2.19 0.83
CA ALA A 118 -2.14 0.75 0.91
C ALA A 118 -0.85 0.39 0.16
N SER A 119 -0.29 -0.79 0.46
CA SER A 119 0.95 -1.26 -0.18
C SER A 119 2.03 -0.18 -0.07
N LEU A 120 2.84 0.02 -1.12
CA LEU A 120 3.89 1.04 -1.07
C LEU A 120 3.38 2.47 -0.90
N GLY A 121 2.06 2.65 -0.95
CA GLY A 121 1.51 3.98 -0.68
C GLY A 121 1.77 4.27 0.79
N VAL A 122 1.73 3.21 1.61
CA VAL A 122 2.03 3.35 3.03
C VAL A 122 3.55 3.34 3.16
N GLY A 123 4.18 2.40 2.46
CA GLY A 123 5.63 2.29 2.51
C GLY A 123 6.39 3.55 2.17
N VAL A 126 6.37 5.81 5.08
CA VAL A 126 7.27 5.33 6.12
C VAL A 126 8.69 5.76 5.76
N LEU A 127 9.07 5.58 4.50
CA LEU A 127 10.39 5.97 4.05
C LEU A 127 10.61 7.48 4.17
N ARG A 128 9.59 8.28 3.86
CA ARG A 128 9.73 9.73 3.94
C ARG A 128 9.89 10.15 5.41
N ALA A 129 9.12 9.53 6.30
CA ALA A 129 9.22 9.84 7.72
C ALA A 129 10.63 9.49 8.23
N LYS A 130 11.13 8.33 7.81
CA LYS A 130 12.46 7.90 8.22
C LYS A 130 13.53 8.87 7.74
N GLU A 131 13.42 9.30 6.49
CA GLU A 131 14.35 10.25 5.88
C GLU A 131 14.44 11.50 6.76
N LEU A 132 13.28 12.02 7.14
CA LEU A 132 13.24 13.22 7.97
C LEU A 132 13.75 12.97 9.39
N LEU A 133 13.32 11.87 9.99
CA LEU A 133 13.75 11.53 11.34
C LEU A 133 15.26 11.32 11.43
N GLU A 134 15.84 10.65 10.42
CA GLU A 134 17.30 10.45 10.43
C GLU A 134 18.07 11.76 10.31
N GLU A 135 17.57 12.75 9.70
CA GLU A 135 18.18 14.08 9.61
C GLU A 135 18.07 14.78 10.96
N GLY A 136 17.11 14.28 11.74
CA GLY A 136 16.90 14.89 13.03
C GLY A 136 15.63 15.73 13.27
N GLN A 137 14.70 15.68 12.32
CA GLN A 137 13.48 16.48 12.47
C GLN A 137 12.55 15.99 13.57
N SER A 138 11.80 16.93 14.13
CA SER A 138 10.88 16.65 15.22
C SER A 138 9.65 15.87 14.80
N LEU A 139 8.99 15.28 15.80
CA LEU A 139 7.77 14.53 15.54
C LEU A 139 6.77 15.41 14.79
N GLU A 140 6.57 16.60 15.38
CA GLU A 140 5.69 17.54 14.72
C GLU A 140 5.95 17.84 13.25
N ALA A 141 7.25 18.04 12.97
CA ALA A 141 7.60 18.37 11.60
C ALA A 141 7.23 17.18 10.73
N VAL A 142 7.53 15.98 11.22
CA VAL A 142 7.27 14.77 10.46
C VAL A 142 5.75 14.55 10.29
N LEU A 143 4.98 14.76 11.35
CA LEU A 143 3.53 14.57 11.25
C LEU A 143 2.94 15.59 10.29
N ALA A 144 3.51 16.79 10.24
CA ALA A 144 3.00 17.80 9.33
C ALA A 144 3.25 17.37 7.89
N GLU A 145 4.44 16.81 7.64
CA GLU A 145 4.78 16.34 6.31
C GLU A 145 3.90 15.15 5.92
N LEU A 146 3.64 14.26 6.88
CA LEU A 146 2.79 13.10 6.58
C LEU A 146 1.38 13.55 6.21
N GLU A 147 0.89 14.59 6.89
CA GLU A 147 -0.45 15.09 6.57
C GLU A 147 -0.44 15.68 5.16
N ARG A 148 0.65 16.33 4.76
CA ARG A 148 0.73 16.88 3.41
C ARG A 148 0.64 15.74 2.40
N LEU A 149 1.38 14.66 2.66
CA LEU A 149 1.36 13.53 1.75
C LEU A 149 -0.01 12.86 1.71
N ARG A 150 -0.67 12.74 2.85
CA ARG A 150 -1.99 12.13 2.86
C ARG A 150 -2.93 12.91 1.93
N ARG A 151 -2.84 14.25 1.98
CA ARG A 151 -3.72 15.11 1.19
C ARG A 151 -3.34 15.24 -0.29
N ASP A 152 -1.99 15.12 -0.50
CA ASP A 152 -1.46 15.30 -1.84
C ASP A 152 -0.53 14.17 -2.30
N HIS A 153 -1.12 13.17 -2.94
CA HIS A 153 -0.33 12.08 -3.51
C HIS A 153 -1.10 11.53 -4.70
N PHE A 154 -0.46 10.62 -5.41
CA PHE A 154 -1.04 10.06 -6.60
C PHE A 154 -1.05 8.55 -6.56
N VAL A 155 -2.12 7.95 -7.09
CA VAL A 155 -2.20 6.51 -7.20
C VAL A 155 -3.17 6.08 -8.29
N ARG A 156 -2.71 5.15 -9.11
CA ARG A 156 -3.53 4.55 -10.16
C ARG A 156 -3.14 3.10 -10.25
N PHE A 157 -4.12 2.24 -10.45
CA PHE A 157 -3.82 0.82 -10.64
C PHE A 157 -4.92 0.16 -11.44
N SER A 158 -4.59 -0.99 -12.02
CA SER A 158 -5.55 -1.78 -12.77
C SER A 158 -5.47 -3.20 -12.20
N VAL A 159 -6.51 -4.00 -12.51
CA VAL A 159 -6.60 -5.38 -12.03
C VAL A 159 -7.19 -6.25 -13.15
N ALA A 160 -6.91 -7.55 -13.11
CA ALA A 160 -7.43 -8.44 -14.15
C ALA A 160 -8.93 -8.62 -14.00
N THR A 161 -9.41 -8.60 -12.75
CA THR A 161 -10.82 -8.78 -12.47
C THR A 161 -11.19 -8.00 -11.22
N LEU A 162 -12.45 -7.61 -11.11
CA LEU A 162 -12.91 -6.90 -9.94
C LEU A 162 -13.44 -7.90 -8.89
N GLU A 163 -13.37 -9.19 -9.20
CA GLU A 163 -13.91 -10.21 -8.31
C GLU A 163 -13.28 -10.32 -6.92
N PHE A 164 -11.97 -10.13 -6.81
CA PHE A 164 -11.36 -10.21 -5.48
C PHE A 164 -11.73 -8.99 -4.63
N LEU A 165 -11.85 -7.84 -5.27
CA LEU A 165 -12.23 -6.62 -4.57
C LEU A 165 -13.68 -6.78 -4.08
N LYS A 166 -14.49 -7.31 -5.01
CA LYS A 166 -15.87 -7.54 -4.64
C LYS A 166 -16.14 -8.52 -3.50
N ARG A 167 -15.49 -9.65 -3.59
CA ARG A 167 -15.65 -10.66 -2.57
C ARG A 167 -15.01 -10.33 -1.23
N GLY A 168 -13.91 -9.65 -1.31
CA GLY A 168 -13.23 -9.27 -0.09
C GLY A 168 -13.82 -8.05 0.58
N GLY A 169 -14.70 -7.35 -0.14
CA GLY A 169 -15.37 -6.18 0.41
C GLY A 169 -14.69 -4.82 0.32
N ARG A 170 -13.53 -4.75 -0.33
CA ARG A 170 -12.83 -3.49 -0.43
C ARG A 170 -13.00 -2.79 -1.79
N ILE A 171 -13.95 -3.28 -2.58
CA ILE A 171 -14.17 -2.70 -3.91
C ILE A 171 -14.53 -1.21 -3.93
N GLY A 172 -15.18 -0.73 -2.86
CA GLY A 172 -15.54 0.68 -2.79
C GLY A 172 -16.24 1.19 -4.03
N GLY A 173 -15.80 2.35 -4.54
CA GLY A 173 -16.41 2.94 -5.71
C GLY A 173 -16.22 2.18 -7.01
N ALA A 174 -15.33 1.19 -7.01
CA ALA A 174 -15.10 0.41 -8.23
C ALA A 174 -16.32 -0.46 -8.50
N GLN A 175 -17.27 -0.47 -7.57
CA GLN A 175 -18.47 -1.25 -7.76
C GLN A 175 -19.26 -0.72 -8.97
N ALA A 176 -19.05 0.55 -9.28
CA ALA A 176 -19.74 1.17 -10.42
C ALA A 176 -19.34 0.49 -11.72
N PHE A 177 -18.20 -0.20 -11.73
CA PHE A 177 -17.75 -0.87 -12.94
C PHE A 177 -18.27 -2.30 -13.06
N LEU A 178 -18.78 -2.85 -11.96
CA LEU A 178 -19.28 -4.23 -12.01
C LEU A 178 -20.28 -4.40 -13.13
N GLY A 179 -21.32 -3.58 -13.12
CA GLY A 179 -22.34 -3.67 -14.14
C GLY A 179 -22.18 -2.74 -15.34
N THR A 180 -20.91 -2.35 -15.55
CA THR A 180 -20.66 -1.42 -16.63
C THR A 180 -19.30 -1.59 -17.31
N LEU A 181 -18.51 -2.48 -16.68
CA LEU A 181 -17.18 -2.69 -17.21
C LEU A 181 -16.96 -3.61 -18.42
N LEU A 182 -17.91 -4.55 -18.54
CA LEU A 182 -17.79 -5.49 -19.64
C LEU A 182 -16.40 -6.12 -19.77
N ASN A 183 -15.83 -6.10 -20.82
CA ASN A 183 -14.50 -6.54 -21.24
C ASN A 183 -13.38 -5.50 -21.19
N LEU A 184 -13.80 -4.29 -20.78
CA LEU A 184 -12.83 -3.22 -20.73
C LEU A 184 -11.82 -3.32 -19.53
N LYS A 185 -10.69 -2.62 -19.54
CA LYS A 185 -9.73 -2.69 -18.45
C LYS A 185 -10.04 -1.55 -17.49
N PRO A 186 -10.19 -1.85 -16.20
CA PRO A 186 -10.51 -0.81 -15.21
C PRO A 186 -9.28 -0.07 -14.70
N VAL A 187 -9.44 1.23 -14.48
CA VAL A 187 -8.36 2.04 -13.92
C VAL A 187 -8.95 2.54 -12.62
N LEU A 188 -8.25 2.25 -11.52
CA LEU A 188 -8.73 2.59 -10.20
C LEU A 188 -7.79 3.50 -9.42
N THR A 189 -8.30 4.08 -8.34
CA THR A 189 -7.50 4.96 -7.48
C THR A 189 -8.06 4.82 -6.06
N LEU A 190 -7.59 5.67 -5.16
CA LEU A 190 -8.11 5.71 -3.81
C LEU A 190 -8.34 7.18 -3.47
N LYS A 191 -9.44 7.46 -2.79
CA LYS A 191 -9.74 8.83 -2.35
C LYS A 191 -10.20 8.68 -0.91
N GLU A 192 -9.67 9.44 -0.10
CA GLU A 192 -10.01 9.37 1.31
C GLU A 192 -9.84 7.99 1.94
N GLY A 193 -8.88 7.25 1.35
CA GLY A 193 -8.61 5.94 1.88
C GLY A 193 -9.52 4.78 1.42
N ARG A 194 -10.36 5.10 0.44
CA ARG A 194 -11.33 4.17 -0.12
C ARG A 194 -11.10 4.03 -1.63
N VAL A 195 -11.23 2.81 -2.14
CA VAL A 195 -11.04 2.58 -3.57
C VAL A 195 -12.13 3.30 -4.35
N GLU A 196 -11.76 3.92 -5.46
CA GLU A 196 -12.71 4.64 -6.30
C GLU A 196 -12.37 4.38 -7.76
N ALA A 197 -13.36 4.58 -8.62
CA ALA A 197 -13.16 4.37 -10.04
C ALA A 197 -12.42 5.56 -10.64
N ALA A 198 -11.57 5.28 -11.64
CA ALA A 198 -10.79 6.31 -12.31
C ALA A 198 -10.65 6.04 -13.80
N GLY A 199 -11.71 5.54 -14.42
CA GLY A 199 -11.68 5.31 -15.86
C GLY A 199 -11.63 3.87 -16.31
N ARG A 200 -11.84 3.68 -17.62
CA ARG A 200 -11.82 2.36 -18.25
C ARG A 200 -11.22 2.52 -19.64
N ALA A 201 -10.53 1.50 -20.12
CA ALA A 201 -9.89 1.58 -21.43
C ALA A 201 -9.95 0.25 -22.18
N ARG A 202 -10.07 0.35 -23.48
CA ARG A 202 -9.98 -0.85 -24.30
C ARG A 202 -8.49 -1.24 -24.57
N GLY A 203 -8.17 -2.33 -23.80
CA GLY A 203 -6.81 -2.81 -23.89
C GLY A 203 -5.82 -2.30 -22.84
N GLU A 204 -4.83 -3.17 -22.58
CA GLU A 204 -3.84 -2.78 -21.59
C GLU A 204 -3.06 -1.47 -21.90
N LYS A 205 -2.75 -1.38 -23.20
CA LYS A 205 -2.08 -0.17 -23.64
C LYS A 205 -2.79 1.16 -23.40
N LYS A 206 -4.07 1.15 -23.79
CA LYS A 206 -4.86 2.35 -23.61
C LYS A 206 -5.02 2.69 -22.10
N ALA A 207 -5.09 1.57 -21.36
CA ALA A 207 -5.16 1.72 -19.92
C ALA A 207 -3.92 2.43 -19.34
N ARG A 208 -2.76 2.04 -19.84
CA ARG A 208 -1.54 2.68 -19.41
C ARG A 208 -1.51 4.15 -19.84
N GLU A 209 -2.05 4.44 -21.01
CA GLU A 209 -2.08 5.81 -21.51
C GLU A 209 -2.95 6.70 -20.61
N GLU A 210 -4.04 6.09 -20.20
CA GLU A 210 -4.95 6.80 -19.33
C GLU A 210 -4.37 7.03 -17.93
N ILE A 211 -3.49 6.16 -17.56
CA ILE A 211 -2.88 6.30 -16.25
C ILE A 211 -1.79 7.40 -16.35
N LEU A 212 -1.09 7.44 -17.53
CA LEU A 212 -0.04 8.46 -17.70
C LEU A 212 -0.66 9.84 -17.93
N LYS A 213 -1.83 9.85 -18.50
CA LYS A 213 -2.55 11.11 -18.68
C LYS A 213 -2.88 11.69 -17.30
N ALA A 214 -3.40 10.84 -16.42
CA ALA A 214 -3.75 11.27 -15.06
C ALA A 214 -2.50 11.72 -14.31
N PHE A 215 -1.40 10.97 -14.48
CA PHE A 215 -0.15 11.28 -13.81
C PHE A 215 0.41 12.63 -14.24
N ARG A 216 0.42 12.89 -15.55
CA ARG A 216 0.93 14.16 -16.04
C ARG A 216 0.10 15.32 -15.48
N ALA A 217 -1.21 15.16 -15.44
CA ALA A 217 -2.09 16.19 -14.89
C ALA A 217 -1.75 16.45 -13.43
N TRP A 218 -1.59 15.38 -12.65
CA TRP A 218 -1.25 15.50 -11.24
C TRP A 218 0.16 16.09 -11.04
N ALA A 219 1.09 15.70 -11.91
CA ALA A 219 2.49 16.11 -11.82
C ALA A 219 2.81 17.58 -12.09
N GLU A 220 1.91 18.27 -12.62
CA GLU A 220 2.14 19.68 -12.97
C GLU A 220 2.77 20.52 -11.86
N GLY A 221 3.75 21.27 -12.31
CA GLY A 221 4.45 22.14 -11.37
C GLY A 221 5.39 21.52 -10.35
N ARG A 222 5.49 20.19 -10.32
CA ARG A 222 6.36 19.54 -9.34
C ARG A 222 7.78 19.36 -9.88
N LYS A 223 8.79 19.66 -9.00
CA LYS A 223 10.18 19.57 -9.46
C LYS A 223 10.91 18.27 -9.14
N ARG A 224 10.33 17.56 -8.06
CA ARG A 224 10.92 16.31 -7.61
C ARG A 224 9.79 15.35 -7.31
N ILE A 225 9.74 14.25 -8.07
CA ILE A 225 8.70 13.26 -7.87
C ILE A 225 9.32 11.90 -7.58
N ARG A 226 8.75 11.19 -6.61
CA ARG A 226 9.19 9.85 -6.26
C ARG A 226 8.01 8.93 -6.55
N ALA A 227 8.26 7.87 -7.32
CA ALA A 227 7.22 6.92 -7.70
C ALA A 227 7.50 5.52 -7.18
N TYR A 228 6.38 4.82 -6.92
CA TYR A 228 6.54 3.48 -6.37
C TYR A 228 5.60 2.53 -7.18
N PHE A 229 6.27 1.59 -7.87
CA PHE A 229 5.49 0.71 -8.73
C PHE A 229 5.23 -0.64 -8.08
N LEU A 230 4.05 -1.17 -8.34
CA LEU A 230 3.61 -2.42 -7.74
C LEU A 230 2.94 -3.36 -8.74
N TYR A 231 3.16 -4.67 -8.47
CA TYR A 231 2.51 -5.64 -9.32
C TYR A 231 2.28 -7.03 -8.71
N SER A 232 1.41 -7.78 -9.41
CA SER A 232 1.14 -9.12 -8.91
C SER A 232 1.05 -9.77 -10.30
N GLY A 233 1.70 -10.94 -10.37
CA GLY A 233 1.62 -11.68 -11.62
C GLY A 233 2.97 -11.47 -12.34
N ASP A 234 2.88 -11.24 -13.60
CA ASP A 234 4.16 -10.97 -14.23
C ASP A 234 4.43 -9.46 -14.39
N GLU A 235 5.73 -9.15 -14.26
CA GLU A 235 6.09 -7.74 -14.35
C GLU A 235 6.01 -6.78 -15.60
N ASP A 236 5.66 -7.47 -16.69
CA ASP A 236 5.53 -6.73 -17.93
C ASP A 236 4.64 -5.48 -18.07
N ALA A 237 3.40 -5.59 -17.59
CA ALA A 237 2.49 -4.45 -17.58
C ALA A 237 3.10 -3.36 -16.73
N VAL A 238 3.50 -3.67 -15.50
CA VAL A 238 4.08 -2.63 -14.66
C VAL A 238 5.42 -2.15 -15.22
N ALA A 239 6.17 -3.03 -15.86
CA ALA A 239 7.46 -2.63 -16.43
C ALA A 239 7.24 -1.63 -17.55
N ALA A 240 6.26 -1.89 -18.41
CA ALA A 240 5.97 -0.98 -19.51
C ALA A 240 5.49 0.36 -18.97
N LEU A 241 4.72 0.31 -17.88
CA LEU A 241 4.20 1.52 -17.27
C LEU A 241 5.35 2.34 -16.67
N ARG A 242 6.28 1.67 -15.99
CA ARG A 242 7.42 2.35 -15.38
C ARG A 242 8.30 2.98 -16.47
N GLN A 243 8.46 2.27 -17.58
CA GLN A 243 9.28 2.77 -18.68
C GLN A 243 8.65 4.04 -19.27
N GLU A 244 7.35 4.02 -19.49
CA GLU A 244 6.57 5.14 -20.00
C GLU A 244 6.65 6.31 -19.02
N VAL A 245 6.68 6.10 -17.76
CA VAL A 245 6.80 7.18 -16.78
C VAL A 245 8.21 7.78 -16.75
N LEU A 246 9.23 6.93 -16.79
CA LEU A 246 10.60 7.40 -16.75
C LEU A 246 11.00 8.09 -18.05
N ALA A 247 10.22 7.87 -19.10
CA ALA A 247 10.49 8.47 -20.41
C ALA A 247 9.51 9.63 -20.71
N SER A 248 8.63 9.92 -19.75
CA SER A 248 7.64 10.98 -19.91
C SER A 248 8.25 12.38 -19.91
N GLY A 249 9.48 12.50 -19.43
CA GLY A 249 10.12 13.80 -19.35
C GLY A 249 9.79 14.47 -18.03
N LEU A 250 9.00 13.82 -17.19
CA LEU A 250 8.66 14.38 -15.88
C LEU A 250 9.88 14.09 -15.00
N PRO A 251 10.10 14.91 -13.96
CA PRO A 251 11.25 14.73 -13.06
C PRO A 251 11.09 13.67 -11.96
N VAL A 252 11.07 12.40 -12.38
CA VAL A 252 10.93 11.28 -11.46
C VAL A 252 12.33 10.84 -11.03
N GLU A 253 12.62 11.14 -9.79
CA GLU A 253 13.94 10.80 -9.28
C GLU A 253 14.08 9.43 -8.61
N GLU A 254 12.91 8.85 -8.35
CA GLU A 254 12.93 7.54 -7.72
C GLU A 254 11.80 6.84 -8.40
N ALA A 255 12.10 5.56 -8.63
CA ALA A 255 11.07 4.73 -9.24
C ALA A 255 11.19 3.20 -8.82
N LEU A 256 11.00 3.01 -7.51
CA LEU A 256 11.13 1.71 -6.85
C LEU A 256 10.04 0.78 -7.35
N VAL A 257 10.35 -0.52 -7.44
CA VAL A 257 9.40 -1.52 -7.91
C VAL A 257 9.41 -2.71 -6.96
N ASN A 258 8.23 -3.15 -6.54
CA ASN A 258 8.13 -4.30 -5.66
C ASN A 258 6.84 -5.03 -5.97
N GLU A 259 6.82 -6.30 -5.61
CA GLU A 259 5.61 -7.09 -5.76
C GLU A 259 4.70 -6.72 -4.60
N LEU A 260 3.40 -6.85 -4.83
CA LEU A 260 2.40 -6.62 -3.79
C LEU A 260 2.55 -7.75 -2.78
N GLY A 261 2.21 -7.47 -1.53
CA GLY A 261 2.23 -8.53 -0.54
C GLY A 261 1.02 -9.44 -0.73
N ALA A 262 1.08 -10.62 -0.13
CA ALA A 262 -0.01 -11.58 -0.24
C ALA A 262 -1.30 -11.02 0.35
N VAL A 263 -1.20 -10.23 1.41
CA VAL A 263 -2.42 -9.67 2.00
C VAL A 263 -3.08 -8.69 1.05
N ILE A 264 -2.32 -7.77 0.46
CA ILE A 264 -2.94 -6.84 -0.48
C ILE A 264 -3.44 -7.58 -1.73
N ALA A 265 -2.63 -8.51 -2.25
CA ALA A 265 -3.01 -9.26 -3.44
C ALA A 265 -4.27 -10.09 -3.26
N SER A 266 -4.55 -10.50 -2.02
CA SER A 266 -5.75 -11.29 -1.72
C SER A 266 -7.02 -10.49 -2.01
N HIS A 267 -6.88 -9.16 -2.02
CA HIS A 267 -8.00 -8.29 -2.30
C HIS A 267 -7.99 -7.71 -3.71
N THR A 268 -6.81 -7.42 -4.25
CA THR A 268 -6.78 -6.87 -5.62
C THR A 268 -6.91 -7.97 -6.67
N GLY A 269 -6.30 -9.12 -6.40
CA GLY A 269 -6.40 -10.23 -7.34
C GLY A 269 -5.24 -10.31 -8.31
N PRO A 270 -5.28 -11.25 -9.24
CA PRO A 270 -4.21 -11.41 -10.23
C PRO A 270 -4.12 -10.27 -11.24
N GLY A 271 -2.96 -10.15 -11.87
CA GLY A 271 -2.76 -9.12 -12.87
C GLY A 271 -2.91 -7.69 -12.39
N THR A 272 -2.55 -7.44 -11.13
CA THR A 272 -2.65 -6.09 -10.60
C THR A 272 -1.34 -5.35 -10.89
N TYR A 273 -1.45 -4.08 -11.27
CA TYR A 273 -0.25 -3.28 -11.51
C TYR A 273 -0.62 -1.81 -11.39
N GLY A 274 0.35 -0.98 -11.06
CA GLY A 274 0.08 0.44 -10.94
C GLY A 274 1.26 1.04 -10.17
N PHE A 275 0.98 2.26 -9.65
CA PHE A 275 2.04 2.93 -8.93
C PHE A 275 1.50 4.06 -8.04
N TYR A 276 2.27 4.29 -6.97
CA TYR A 276 1.89 5.37 -6.09
C TYR A 276 3.00 6.39 -6.34
N ALA A 277 2.68 7.63 -5.97
CA ALA A 277 3.66 8.68 -6.16
C ALA A 277 3.47 10.07 -5.29
N TYR A 278 4.52 10.81 -4.98
CA TYR A 278 4.37 12.07 -4.25
C TYR A 278 5.53 12.94 -4.65
N SER A 279 5.48 14.22 -4.28
CA SER A 279 6.53 15.15 -4.63
C SER A 279 7.05 15.87 -3.41
N LEU A 280 8.21 16.48 -3.54
CA LEU A 280 8.81 17.20 -2.41
C LEU A 280 9.73 18.31 -2.90
#